data_1CSS
#
_entry.id   1CSS
#
_cell.length_a   104.390
_cell.length_b   78.430
_cell.length_c   58.470
_cell.angle_alpha   90.00
_cell.angle_beta   78.86
_cell.angle_gamma   90.00
#
_symmetry.space_group_name_H-M   'C 1 2 1'
#
loop_
_entity.id
_entity.type
_entity.pdbx_description
1 polymer 'CITRATE SYNTHASE'
2 non-polymer 'OXALOACETATE ION'
3 non-polymer 'ALPHA-FLUORO-CARBOXYMETHYLDETHIA COENZYME A COMPLEX'
4 water water
#
_entity_poly.entity_id   1
_entity_poly.type   'polypeptide(L)'
_entity_poly.pdbx_seq_one_letter_code
;STNLKDVLASLIPKEQARIKTFRQQHGNTAVGQITVDMSYGGMRGMKGLIYETSVLDPDEGIRFRGFSIPECQKLLPKAG
GGEEPLPEGLFWLLVTGQIPTPEQVSWVSKEWAKRAALPSHVVTMLDNFPTNLHPMSQLSAAITALNSESNFARAYAEGI
NRTKYWEFVYEDAMDLIAKLPCVAAKIYRNLYRAGSSIGAIDSKLDWSHNFTNMLGYTDPQFTELMRLYLTIHSDHEGGN
VSAHTSHLVGSALSDPYLSFAAAMNGLAGPLHGLANQEVLLWLSQLQKDLGADASDEKLRDYIWNTLNSGRVVPGYGHAV
LRKTDPRYTCQREFALKHLPSDPMFKLVAQLYKIVPNVLLEQGKAKNPWPNVDAHSGVLLQYYGMTEMNYYTVLFGVSRA
LGVLAQLIWSRALGFPLERPKSMSTAGLEKLSAGG
;
_entity_poly.pdbx_strand_id   A
#
loop_
_chem_comp.id
_chem_comp.type
_chem_comp.name
_chem_comp.formula
FCX non-polymer 'ALPHA-FLUORO-CARBOXYMETHYLDETHIA COENZYME A COMPLEX' 'C23 H37 F N7 O18 P3'
OAA non-polymer 'OXALOACETATE ION' 'C4 H3 O5 -1'
#
# COMPACT_ATOMS: atom_id res chain seq x y z
N SER A 1 -29.57 4.40 -6.72
CA SER A 1 -29.17 5.63 -7.45
C SER A 1 -27.69 5.61 -7.82
N THR A 2 -26.79 5.56 -6.82
CA THR A 2 -25.39 5.51 -7.12
C THR A 2 -25.07 4.03 -7.27
N ASN A 3 -24.23 3.69 -8.25
CA ASN A 3 -23.84 2.30 -8.44
C ASN A 3 -22.56 2.34 -9.21
N LEU A 4 -21.43 2.13 -8.52
CA LEU A 4 -20.12 2.18 -9.19
C LEU A 4 -20.07 1.19 -10.31
N LYS A 5 -20.65 0.02 -10.10
CA LYS A 5 -20.63 -0.99 -11.15
C LYS A 5 -21.28 -0.52 -12.44
N ASP A 6 -22.33 0.35 -12.36
CA ASP A 6 -22.98 0.86 -13.59
C ASP A 6 -22.10 1.90 -14.25
N VAL A 7 -21.35 2.62 -13.42
CA VAL A 7 -20.43 3.65 -13.91
C VAL A 7 -19.33 2.98 -14.67
N LEU A 8 -18.78 1.94 -14.07
CA LEU A 8 -17.73 1.21 -14.75
C LEU A 8 -18.20 0.60 -16.09
N ALA A 9 -19.46 0.05 -16.20
CA ALA A 9 -19.99 -0.53 -17.43
C ALA A 9 -19.97 0.47 -18.60
N SER A 10 -20.08 1.78 -18.32
CA SER A 10 -20.07 2.76 -19.38
C SER A 10 -18.66 3.15 -19.77
N LEU A 11 -17.78 3.21 -18.76
CA LEU A 11 -16.39 3.60 -18.91
C LEU A 11 -15.56 2.58 -19.72
N ILE A 12 -15.67 1.30 -19.34
CA ILE A 12 -14.95 0.16 -19.95
C ILE A 12 -14.84 0.11 -21.47
N PRO A 13 -15.95 0.12 -22.16
CA PRO A 13 -15.92 0.06 -23.62
C PRO A 13 -15.27 1.24 -24.25
N LYS A 14 -15.31 2.41 -23.63
CA LYS A 14 -14.67 3.56 -24.24
C LYS A 14 -13.17 3.44 -24.09
N GLU A 15 -12.71 3.02 -22.93
CA GLU A 15 -11.26 2.88 -22.72
C GLU A 15 -10.74 1.75 -23.60
N GLN A 16 -11.55 0.70 -23.78
CA GLN A 16 -11.10 -0.39 -24.63
C GLN A 16 -10.80 0.10 -26.04
N ALA A 17 -11.69 0.91 -26.59
CA ALA A 17 -11.57 1.48 -27.93
C ALA A 17 -10.34 2.38 -28.13
N ARG A 18 -10.17 3.25 -27.17
CA ARG A 18 -9.09 4.20 -27.08
C ARG A 18 -7.73 3.52 -27.06
N ILE A 19 -7.64 2.45 -26.30
CA ILE A 19 -6.39 1.74 -26.23
C ILE A 19 -6.20 0.97 -27.52
N LYS A 20 -7.30 0.46 -28.05
CA LYS A 20 -7.22 -0.32 -29.29
C LYS A 20 -6.68 0.54 -30.43
N THR A 21 -7.24 1.71 -30.60
CA THR A 21 -6.71 2.52 -31.66
C THR A 21 -5.26 2.96 -31.43
N PHE A 22 -4.91 3.28 -30.21
CA PHE A 22 -3.55 3.72 -29.92
C PHE A 22 -2.55 2.67 -30.28
N ARG A 23 -2.87 1.48 -29.90
CA ARG A 23 -1.96 0.41 -30.21
C ARG A 23 -1.94 0.11 -31.69
N GLN A 24 -3.00 0.54 -32.36
CA GLN A 24 -3.07 0.31 -33.80
C GLN A 24 -2.01 1.20 -34.41
N GLN A 25 -1.97 2.42 -33.95
CA GLN A 25 -0.98 3.33 -34.46
C GLN A 25 0.44 3.21 -33.90
N HIS A 26 0.60 2.99 -32.58
CA HIS A 26 1.90 2.92 -31.99
C HIS A 26 2.41 1.67 -31.28
N GLY A 27 1.76 0.55 -31.50
CA GLY A 27 2.23 -0.61 -30.81
C GLY A 27 3.67 -0.97 -31.03
N ASN A 28 4.19 -0.59 -32.18
CA ASN A 28 5.57 -0.97 -32.45
C ASN A 28 6.55 0.11 -32.16
N THR A 29 6.03 1.21 -31.68
CA THR A 29 6.91 2.31 -31.35
C THR A 29 7.75 1.94 -30.11
N ALA A 30 9.05 2.24 -30.12
CA ALA A 30 9.91 1.90 -29.01
C ALA A 30 9.92 2.97 -27.96
N VAL A 31 9.74 2.57 -26.71
CA VAL A 31 9.72 3.53 -25.63
C VAL A 31 10.96 3.49 -24.78
N GLY A 32 11.88 2.55 -25.08
CA GLY A 32 13.11 2.43 -24.32
C GLY A 32 13.95 1.25 -24.75
N GLN A 33 15.09 1.12 -24.09
CA GLN A 33 15.99 0.02 -24.39
C GLN A 33 16.31 -0.73 -23.11
N ILE A 34 16.78 -1.94 -23.26
CA ILE A 34 17.13 -2.75 -22.11
C ILE A 34 18.65 -2.94 -22.09
N THR A 35 19.33 -2.69 -20.97
CA THR A 35 20.76 -2.92 -20.94
C THR A 35 21.08 -4.03 -19.96
N VAL A 36 22.29 -4.53 -20.03
CA VAL A 36 22.77 -5.58 -19.17
C VAL A 36 22.56 -5.17 -17.73
N ASP A 37 22.93 -3.93 -17.44
CA ASP A 37 22.78 -3.45 -16.08
C ASP A 37 21.35 -3.38 -15.58
N MET A 38 20.40 -3.16 -16.49
CA MET A 38 19.04 -3.11 -16.04
C MET A 38 18.55 -4.51 -15.65
N SER A 39 19.04 -5.55 -16.33
CA SER A 39 18.69 -6.96 -16.09
C SER A 39 19.25 -7.47 -14.77
N TYR A 40 20.44 -7.08 -14.46
CA TYR A 40 21.14 -7.44 -13.25
C TYR A 40 20.65 -6.63 -12.07
N GLY A 41 20.22 -5.43 -12.41
CA GLY A 41 19.69 -4.41 -11.46
C GLY A 41 18.19 -4.40 -11.06
N GLY A 42 17.50 -5.55 -11.15
CA GLY A 42 16.09 -5.58 -10.75
C GLY A 42 15.18 -4.67 -11.58
N MET A 43 15.50 -4.63 -12.88
CA MET A 43 14.80 -3.83 -13.85
C MET A 43 14.79 -2.34 -13.55
N ARG A 44 15.79 -1.87 -12.82
CA ARG A 44 15.74 -0.44 -12.49
C ARG A 44 15.76 0.41 -13.72
N GLY A 45 14.78 1.30 -13.82
CA GLY A 45 14.73 2.17 -14.98
C GLY A 45 13.98 1.54 -16.17
N MET A 46 13.52 0.28 -16.09
CA MET A 46 12.82 -0.21 -17.26
C MET A 46 11.33 0.10 -17.23
N LYS A 47 10.82 0.61 -18.32
CA LYS A 47 9.40 0.92 -18.40
C LYS A 47 8.80 -0.42 -18.71
N GLY A 48 8.24 -1.12 -17.71
CA GLY A 48 7.73 -2.44 -18.06
C GLY A 48 6.26 -2.72 -17.91
N LEU A 49 5.48 -1.83 -17.34
CA LEU A 49 4.08 -2.23 -17.25
C LEU A 49 3.11 -1.07 -17.39
N ILE A 50 1.86 -1.44 -17.68
CA ILE A 50 0.80 -0.43 -17.80
C ILE A 50 -0.01 -0.54 -16.51
N TYR A 51 -0.21 0.58 -15.78
CA TYR A 51 -0.94 0.58 -14.49
C TYR A 51 -1.62 1.93 -14.54
N GLU A 52 -2.93 1.92 -14.55
CA GLU A 52 -3.69 3.13 -14.68
C GLU A 52 -4.00 4.04 -13.53
N THR A 53 -4.12 3.44 -12.36
CA THR A 53 -4.52 4.20 -11.22
C THR A 53 -3.63 5.29 -10.64
N SER A 54 -2.33 5.16 -10.76
CA SER A 54 -1.44 6.17 -10.20
C SER A 54 -0.13 6.06 -10.96
N VAL A 55 0.55 7.17 -10.94
CA VAL A 55 1.82 7.28 -11.66
C VAL A 55 2.78 8.08 -10.79
N LEU A 56 3.99 7.57 -10.63
CA LEU A 56 4.94 8.29 -9.77
C LEU A 56 5.97 9.04 -10.60
N ASP A 57 6.19 10.29 -10.22
CA ASP A 57 7.17 11.13 -10.84
C ASP A 57 8.40 11.10 -9.86
N PRO A 58 9.60 10.85 -10.35
CA PRO A 58 10.76 10.78 -9.50
C PRO A 58 11.08 12.00 -8.66
N ASP A 59 10.65 13.15 -9.17
CA ASP A 59 10.89 14.41 -8.48
C ASP A 59 9.70 14.92 -7.70
N GLU A 60 8.51 14.79 -8.30
CA GLU A 60 7.30 15.29 -7.68
C GLU A 60 6.56 14.31 -6.83
N GLY A 61 6.86 13.01 -6.97
CA GLY A 61 6.11 12.10 -6.12
C GLY A 61 4.87 11.57 -6.84
N ILE A 62 4.03 10.92 -6.07
CA ILE A 62 2.84 10.30 -6.62
C ILE A 62 1.63 11.11 -7.02
N ARG A 63 0.98 10.73 -8.09
CA ARG A 63 -0.26 11.36 -8.56
C ARG A 63 -1.29 10.25 -8.70
N PHE A 64 -2.43 10.46 -8.14
CA PHE A 64 -3.51 9.54 -8.19
C PHE A 64 -4.45 10.02 -9.26
N ARG A 65 -4.49 9.31 -10.38
CA ARG A 65 -5.34 9.69 -11.51
C ARG A 65 -5.06 11.15 -11.85
N GLY A 66 -3.81 11.54 -11.79
CA GLY A 66 -3.57 12.95 -12.11
C GLY A 66 -3.48 13.91 -10.92
N PHE A 67 -4.01 13.57 -9.76
CA PHE A 67 -3.93 14.46 -8.61
C PHE A 67 -2.88 14.12 -7.56
N SER A 68 -2.21 15.17 -7.12
CA SER A 68 -1.23 14.99 -6.09
C SER A 68 -1.93 14.94 -4.76
N ILE A 69 -1.17 14.56 -3.74
CA ILE A 69 -1.71 14.47 -2.41
C ILE A 69 -2.35 15.77 -1.90
N PRO A 70 -1.68 16.92 -2.02
CA PRO A 70 -2.27 18.17 -1.55
C PRO A 70 -3.59 18.40 -2.23
N GLU A 71 -3.67 18.06 -3.55
CA GLU A 71 -4.89 18.21 -4.34
C GLU A 71 -5.95 17.27 -3.80
N CYS A 72 -5.59 16.02 -3.47
CA CYS A 72 -6.62 15.14 -2.92
C CYS A 72 -7.11 15.62 -1.56
N GLN A 73 -6.19 16.12 -0.75
CA GLN A 73 -6.55 16.60 0.55
C GLN A 73 -7.58 17.68 0.42
N LYS A 74 -7.34 18.45 -0.60
CA LYS A 74 -8.28 19.52 -0.80
C LYS A 74 -9.59 19.15 -1.46
N LEU A 75 -9.55 18.30 -2.50
CA LEU A 75 -10.72 17.89 -3.24
C LEU A 75 -11.58 16.75 -2.72
N LEU A 76 -10.97 15.77 -2.08
CA LEU A 76 -11.79 14.68 -1.64
C LEU A 76 -12.72 14.97 -0.46
N PRO A 77 -13.92 14.35 -0.49
CA PRO A 77 -14.82 14.56 0.62
C PRO A 77 -14.20 14.08 1.95
N LYS A 78 -14.59 14.77 3.02
CA LYS A 78 -14.13 14.55 4.38
C LYS A 78 -15.29 14.12 5.20
N ALA A 79 -14.96 13.68 6.42
CA ALA A 79 -16.01 13.25 7.34
C ALA A 79 -16.69 14.51 7.90
N GLY A 80 -17.90 14.36 8.43
CA GLY A 80 -18.55 15.52 9.01
C GLY A 80 -17.69 16.04 10.17
N GLY A 81 -17.17 17.25 9.99
CA GLY A 81 -16.34 17.89 10.98
C GLY A 81 -14.89 17.48 10.83
N GLY A 82 -14.61 16.65 9.80
CA GLY A 82 -13.25 16.20 9.56
C GLY A 82 -12.42 17.15 8.72
N GLU A 83 -11.14 16.83 8.63
CA GLU A 83 -10.17 17.56 7.87
C GLU A 83 -9.46 16.64 6.91
N GLU A 84 -9.32 15.34 7.25
CA GLU A 84 -8.63 14.35 6.39
C GLU A 84 -9.56 13.66 5.39
N PRO A 85 -9.05 13.41 4.18
CA PRO A 85 -9.85 12.79 3.14
C PRO A 85 -10.27 11.37 3.52
N LEU A 86 -11.46 10.96 3.12
CA LEU A 86 -11.97 9.62 3.44
C LEU A 86 -11.36 8.68 2.36
N PRO A 87 -10.82 7.53 2.76
CA PRO A 87 -10.26 6.65 1.77
C PRO A 87 -11.32 6.13 0.78
N GLU A 88 -12.59 6.11 1.17
CA GLU A 88 -13.65 5.69 0.30
C GLU A 88 -13.65 6.53 -0.98
N GLY A 89 -13.44 7.82 -0.83
CA GLY A 89 -13.43 8.79 -1.92
C GLY A 89 -12.19 8.55 -2.78
N LEU A 90 -11.07 8.23 -2.14
CA LEU A 90 -9.89 7.98 -2.92
C LEU A 90 -10.13 6.74 -3.79
N PHE A 91 -10.82 5.72 -3.26
CA PHE A 91 -11.09 4.53 -4.06
C PHE A 91 -11.94 4.90 -5.29
N TRP A 92 -12.98 5.69 -5.11
CA TRP A 92 -13.80 6.10 -6.28
C TRP A 92 -12.98 6.79 -7.32
N LEU A 93 -12.10 7.68 -6.86
CA LEU A 93 -11.27 8.40 -7.81
C LEU A 93 -10.38 7.47 -8.60
N LEU A 94 -9.76 6.47 -7.88
CA LEU A 94 -8.83 5.57 -8.56
C LEU A 94 -9.55 4.72 -9.58
N VAL A 95 -10.71 4.24 -9.19
CA VAL A 95 -11.44 3.39 -10.08
C VAL A 95 -12.05 4.10 -11.27
N THR A 96 -12.67 5.26 -11.08
CA THR A 96 -13.32 6.00 -12.20
C THR A 96 -12.51 7.13 -12.78
N GLY A 97 -11.49 7.63 -12.07
CA GLY A 97 -10.72 8.72 -12.59
C GLY A 97 -11.46 10.04 -12.33
N GLN A 98 -12.58 10.01 -11.60
CA GLN A 98 -13.27 11.24 -11.32
C GLN A 98 -13.41 11.38 -9.84
N ILE A 99 -13.37 12.64 -9.41
CA ILE A 99 -13.54 13.06 -8.01
C ILE A 99 -14.99 12.80 -7.66
N PRO A 100 -15.20 12.06 -6.61
CA PRO A 100 -16.58 11.74 -6.30
C PRO A 100 -17.28 12.77 -5.48
N THR A 101 -18.62 12.64 -5.45
CA THR A 101 -19.46 13.52 -4.65
C THR A 101 -19.53 12.92 -3.26
N PRO A 102 -19.96 13.69 -2.29
CA PRO A 102 -20.03 13.14 -0.97
C PRO A 102 -21.12 12.09 -0.95
N GLU A 103 -22.08 12.27 -1.84
CA GLU A 103 -23.13 11.29 -1.88
C GLU A 103 -22.59 9.95 -2.35
N GLN A 104 -21.75 10.03 -3.35
CA GLN A 104 -21.15 8.81 -3.89
C GLN A 104 -20.24 8.16 -2.85
N VAL A 105 -19.56 9.03 -2.07
CA VAL A 105 -18.67 8.55 -1.04
C VAL A 105 -19.47 7.80 0.01
N SER A 106 -20.60 8.33 0.42
CA SER A 106 -21.34 7.56 1.43
C SER A 106 -21.89 6.24 0.91
N TRP A 107 -22.06 6.18 -0.42
CA TRP A 107 -22.57 4.90 -0.91
C TRP A 107 -21.48 3.86 -0.72
N VAL A 108 -20.24 4.25 -0.98
CA VAL A 108 -19.10 3.30 -0.83
C VAL A 108 -19.06 2.80 0.61
N SER A 109 -19.17 3.77 1.53
CA SER A 109 -19.16 3.45 2.94
C SER A 109 -20.23 2.46 3.31
N LYS A 110 -21.44 2.62 2.80
CA LYS A 110 -22.49 1.67 3.16
C LYS A 110 -22.25 0.29 2.50
N GLU A 111 -21.77 0.33 1.24
CA GLU A 111 -21.51 -0.91 0.56
C GLU A 111 -20.48 -1.71 1.31
N TRP A 112 -19.43 -1.04 1.77
CA TRP A 112 -18.38 -1.75 2.49
C TRP A 112 -18.87 -2.21 3.86
N ALA A 113 -19.82 -1.51 4.46
CA ALA A 113 -20.27 -1.96 5.76
C ALA A 113 -21.16 -3.17 5.57
N LYS A 114 -21.89 -3.16 4.45
CA LYS A 114 -22.81 -4.22 4.10
C LYS A 114 -22.13 -5.52 3.78
N ARG A 115 -20.96 -5.46 3.17
CA ARG A 115 -20.23 -6.66 2.77
C ARG A 115 -19.25 -7.24 3.78
N ALA A 116 -19.03 -6.59 4.94
CA ALA A 116 -18.08 -7.05 5.95
C ALA A 116 -18.63 -8.18 6.78
N ALA A 117 -18.14 -9.36 6.53
CA ALA A 117 -18.58 -10.56 7.25
C ALA A 117 -17.53 -11.63 7.05
N LEU A 118 -17.11 -12.26 8.13
CA LEU A 118 -16.10 -13.30 8.00
C LEU A 118 -16.64 -14.70 8.19
N PRO A 119 -16.19 -15.62 7.37
CA PRO A 119 -16.61 -17.00 7.47
C PRO A 119 -15.96 -17.63 8.71
N SER A 120 -16.66 -18.59 9.30
CA SER A 120 -16.10 -19.18 10.51
C SER A 120 -14.79 -19.87 10.40
N HIS A 121 -14.53 -20.43 9.24
CA HIS A 121 -13.25 -21.10 9.18
C HIS A 121 -12.10 -20.11 9.32
N VAL A 122 -12.31 -18.86 8.85
CA VAL A 122 -11.24 -17.90 8.95
C VAL A 122 -11.14 -17.43 10.37
N VAL A 123 -12.28 -17.27 11.02
CA VAL A 123 -12.26 -16.86 12.41
C VAL A 123 -11.50 -17.87 13.29
N THR A 124 -11.78 -19.16 13.08
CA THR A 124 -11.13 -20.22 13.85
C THR A 124 -9.64 -20.24 13.65
N MET A 125 -9.20 -20.09 12.42
CA MET A 125 -7.78 -20.12 12.12
C MET A 125 -7.06 -18.99 12.87
N LEU A 126 -7.64 -17.81 12.83
CA LEU A 126 -6.98 -16.68 13.49
C LEU A 126 -6.86 -16.87 15.00
N ASP A 127 -7.94 -17.35 15.53
CA ASP A 127 -8.00 -17.63 16.93
C ASP A 127 -7.06 -18.73 17.34
N ASN A 128 -6.67 -19.60 16.45
CA ASN A 128 -5.74 -20.69 16.80
C ASN A 128 -4.27 -20.40 16.51
N PHE A 129 -3.97 -19.29 15.88
CA PHE A 129 -2.60 -18.92 15.57
C PHE A 129 -1.77 -18.58 16.82
N PRO A 130 -0.52 -18.96 16.80
CA PRO A 130 0.30 -18.66 17.96
C PRO A 130 0.72 -17.20 17.95
N THR A 131 1.05 -16.68 19.15
CA THR A 131 1.45 -15.29 19.27
C THR A 131 2.83 -15.01 18.67
N ASN A 132 3.64 -16.01 18.37
CA ASN A 132 4.89 -15.65 17.78
C ASN A 132 4.78 -15.67 16.27
N LEU A 133 3.58 -15.80 15.68
CA LEU A 133 3.48 -15.82 14.21
C LEU A 133 3.30 -14.36 13.86
N HIS A 134 4.21 -13.77 13.06
CA HIS A 134 4.10 -12.34 12.73
C HIS A 134 2.72 -11.94 12.20
N PRO A 135 2.27 -10.72 12.61
CA PRO A 135 0.97 -10.23 12.17
C PRO A 135 0.81 -10.24 10.64
N MET A 136 1.86 -9.94 9.87
CA MET A 136 1.68 -9.96 8.39
C MET A 136 1.44 -11.34 7.87
N SER A 137 2.09 -12.33 8.47
CA SER A 137 1.92 -13.74 8.05
C SER A 137 0.52 -14.16 8.46
N GLN A 138 0.06 -13.69 9.64
CA GLN A 138 -1.29 -14.06 10.05
C GLN A 138 -2.28 -13.50 9.00
N LEU A 139 -2.03 -12.24 8.59
CA LEU A 139 -2.87 -11.57 7.61
C LEU A 139 -2.92 -12.24 6.25
N SER A 140 -1.75 -12.56 5.70
CA SER A 140 -1.65 -13.19 4.38
C SER A 140 -2.32 -14.55 4.38
N ALA A 141 -2.03 -15.38 5.40
CA ALA A 141 -2.69 -16.74 5.52
C ALA A 141 -4.26 -16.60 5.61
N ALA A 142 -4.79 -15.63 6.39
CA ALA A 142 -6.25 -15.47 6.48
C ALA A 142 -6.87 -15.02 5.14
N ILE A 143 -6.20 -14.13 4.37
CA ILE A 143 -6.72 -13.68 3.08
C ILE A 143 -6.74 -14.85 2.09
N THR A 144 -5.65 -15.65 2.15
CA THR A 144 -5.55 -16.83 1.29
C THR A 144 -6.76 -17.71 1.60
N ALA A 145 -6.96 -18.01 2.89
CA ALA A 145 -8.09 -18.86 3.33
C ALA A 145 -9.46 -18.33 2.96
N LEU A 146 -9.58 -17.03 2.71
CA LEU A 146 -10.87 -16.48 2.34
C LEU A 146 -11.25 -16.78 0.90
N ASN A 147 -10.29 -17.30 0.14
CA ASN A 147 -10.59 -17.58 -1.24
C ASN A 147 -11.71 -18.57 -1.49
N SER A 148 -12.12 -19.30 -0.47
CA SER A 148 -13.22 -20.24 -0.66
C SER A 148 -14.50 -19.47 -0.97
N GLU A 149 -14.52 -18.18 -0.69
CA GLU A 149 -15.67 -17.36 -0.92
C GLU A 149 -15.56 -16.62 -2.25
N SER A 150 -14.46 -16.80 -3.00
CA SER A 150 -14.32 -16.09 -4.26
C SER A 150 -15.42 -16.20 -5.29
N ASN A 151 -16.01 -15.05 -5.65
CA ASN A 151 -17.04 -15.13 -6.69
C ASN A 151 -16.38 -15.30 -8.06
N PHE A 152 -15.16 -14.76 -8.21
CA PHE A 152 -14.44 -14.88 -9.47
C PHE A 152 -14.01 -16.33 -9.71
N ALA A 153 -13.45 -16.95 -8.67
CA ALA A 153 -12.98 -18.32 -8.75
C ALA A 153 -14.16 -19.20 -9.17
N ARG A 154 -15.31 -18.93 -8.58
CA ARG A 154 -16.55 -19.63 -8.84
C ARG A 154 -17.04 -19.44 -10.26
N ALA A 155 -17.07 -18.22 -10.77
CA ALA A 155 -17.52 -18.00 -12.11
C ALA A 155 -16.58 -18.62 -13.11
N TYR A 156 -15.28 -18.53 -12.82
CA TYR A 156 -14.26 -19.08 -13.68
C TYR A 156 -14.55 -20.58 -13.85
N ALA A 157 -14.73 -21.28 -12.72
CA ALA A 157 -15.03 -22.69 -12.71
C ALA A 157 -16.30 -23.05 -13.48
N GLU A 158 -17.24 -22.12 -13.54
CA GLU A 158 -18.49 -22.34 -14.25
C GLU A 158 -18.31 -22.09 -15.75
N GLY A 159 -17.18 -21.56 -16.19
CA GLY A 159 -16.99 -21.37 -17.61
C GLY A 159 -17.42 -20.03 -18.15
N ILE A 160 -17.43 -19.06 -17.30
CA ILE A 160 -17.81 -17.75 -17.78
C ILE A 160 -16.94 -17.25 -18.96
N ASN A 161 -17.54 -16.55 -19.90
CA ASN A 161 -16.82 -16.01 -21.04
C ASN A 161 -15.88 -14.94 -20.47
N ARG A 162 -14.65 -14.90 -21.01
CA ARG A 162 -13.65 -13.96 -20.55
C ARG A 162 -14.03 -12.50 -20.55
N THR A 163 -14.97 -12.05 -21.39
CA THR A 163 -15.38 -10.63 -21.41
C THR A 163 -16.03 -10.20 -20.09
N LYS A 164 -16.53 -11.17 -19.27
CA LYS A 164 -17.15 -10.77 -18.04
C LYS A 164 -16.30 -10.86 -16.79
N TYR A 165 -15.03 -11.25 -16.94
CA TYR A 165 -14.13 -11.36 -15.82
C TYR A 165 -14.24 -10.14 -14.89
N TRP A 166 -14.10 -8.95 -15.43
CA TRP A 166 -14.16 -7.74 -14.59
C TRP A 166 -15.33 -7.64 -13.62
N GLU A 167 -16.50 -8.16 -14.03
CA GLU A 167 -17.68 -8.06 -13.18
C GLU A 167 -17.48 -8.81 -11.92
N PHE A 168 -16.87 -10.00 -12.01
CA PHE A 168 -16.63 -10.81 -10.84
C PHE A 168 -15.43 -10.35 -10.02
N VAL A 169 -14.44 -9.77 -10.69
CA VAL A 169 -13.32 -9.26 -9.96
C VAL A 169 -13.84 -8.09 -9.13
N TYR A 170 -14.70 -7.25 -9.66
CA TYR A 170 -15.24 -6.11 -8.94
C TYR A 170 -15.95 -6.56 -7.64
N GLU A 171 -16.74 -7.62 -7.74
CA GLU A 171 -17.43 -8.11 -6.56
C GLU A 171 -16.48 -8.60 -5.51
N ASP A 172 -15.49 -9.43 -5.91
CA ASP A 172 -14.54 -9.92 -4.94
C ASP A 172 -13.72 -8.75 -4.39
N ALA A 173 -13.48 -7.72 -5.22
CA ALA A 173 -12.71 -6.56 -4.72
C ALA A 173 -13.41 -5.80 -3.60
N MET A 174 -14.66 -5.49 -3.83
CA MET A 174 -15.46 -4.77 -2.86
C MET A 174 -15.66 -5.65 -1.57
N ASP A 175 -15.84 -6.98 -1.73
CA ASP A 175 -15.99 -7.85 -0.60
C ASP A 175 -14.72 -7.93 0.16
N LEU A 176 -13.57 -8.00 -0.55
CA LEU A 176 -12.30 -8.11 0.18
C LEU A 176 -11.94 -6.83 0.97
N ILE A 177 -12.19 -5.66 0.37
CA ILE A 177 -11.93 -4.35 1.00
C ILE A 177 -12.83 -4.26 2.23
N ALA A 178 -14.05 -4.77 2.08
CA ALA A 178 -15.02 -4.77 3.19
C ALA A 178 -14.55 -5.60 4.38
N LYS A 179 -13.99 -6.72 4.10
CA LYS A 179 -13.56 -7.62 5.13
C LYS A 179 -12.23 -7.35 5.78
N LEU A 180 -11.33 -6.72 5.01
CA LEU A 180 -10.02 -6.43 5.54
C LEU A 180 -9.89 -5.89 6.98
N PRO A 181 -10.63 -4.87 7.30
CA PRO A 181 -10.54 -4.34 8.61
C PRO A 181 -10.95 -5.31 9.70
N CYS A 182 -11.85 -6.23 9.40
CA CYS A 182 -12.29 -7.16 10.41
C CYS A 182 -11.19 -8.19 10.64
N VAL A 183 -10.54 -8.53 9.55
CA VAL A 183 -9.48 -9.50 9.70
C VAL A 183 -8.30 -8.88 10.45
N ALA A 184 -7.94 -7.66 10.04
CA ALA A 184 -6.84 -7.01 10.66
C ALA A 184 -7.13 -6.74 12.13
N ALA A 185 -8.37 -6.34 12.47
CA ALA A 185 -8.71 -6.03 13.87
C ALA A 185 -8.73 -7.26 14.74
N LYS A 186 -9.16 -8.42 14.20
CA LYS A 186 -9.19 -9.63 14.94
C LYS A 186 -7.74 -10.00 15.31
N ILE A 187 -6.82 -9.80 14.38
CA ILE A 187 -5.43 -10.13 14.71
C ILE A 187 -4.90 -9.24 15.85
N TYR A 188 -5.22 -7.94 15.77
CA TYR A 188 -4.79 -6.97 16.74
C TYR A 188 -5.30 -7.34 18.15
N ARG A 189 -6.59 -7.64 18.24
CA ARG A 189 -7.23 -8.05 19.48
C ARG A 189 -6.67 -9.36 20.05
N ASN A 190 -6.51 -10.36 19.21
CA ASN A 190 -6.00 -11.65 19.61
C ASN A 190 -4.60 -11.56 20.15
N LEU A 191 -3.79 -10.75 19.50
CA LEU A 191 -2.43 -10.65 19.92
C LEU A 191 -2.24 -9.67 21.07
N TYR A 192 -2.89 -8.53 21.01
CA TYR A 192 -2.66 -7.57 22.02
C TYR A 192 -3.79 -7.23 22.97
N ARG A 193 -4.99 -7.78 22.81
CA ARG A 193 -6.04 -7.41 23.76
C ARG A 193 -6.82 -8.72 24.05
N ALA A 194 -6.03 -9.81 24.26
CA ALA A 194 -6.57 -11.17 24.48
C ALA A 194 -7.78 -11.20 25.44
N GLY A 195 -8.86 -11.85 25.00
CA GLY A 195 -10.16 -12.01 25.70
C GLY A 195 -11.23 -10.97 25.31
N SER A 196 -10.88 -9.95 24.52
CA SER A 196 -11.84 -8.96 24.12
C SER A 196 -12.30 -9.37 22.69
N SER A 197 -13.31 -8.66 22.15
CA SER A 197 -14.03 -8.82 20.84
C SER A 197 -14.00 -7.55 19.97
N ILE A 198 -13.90 -7.69 18.63
CA ILE A 198 -13.86 -6.53 17.75
C ILE A 198 -15.18 -5.81 17.65
N GLY A 199 -16.19 -6.58 17.99
CA GLY A 199 -17.48 -5.95 17.95
C GLY A 199 -18.14 -6.05 16.59
N ALA A 200 -19.10 -5.16 16.37
CA ALA A 200 -19.85 -5.11 15.13
C ALA A 200 -19.68 -3.83 14.34
N ILE A 201 -20.02 -3.94 13.05
CA ILE A 201 -19.93 -2.85 12.10
C ILE A 201 -21.18 -2.02 12.21
N ASP A 202 -20.99 -0.70 12.15
CA ASP A 202 -22.03 0.25 12.21
C ASP A 202 -22.13 0.69 10.80
N SER A 203 -23.27 0.36 10.21
CA SER A 203 -23.49 0.71 8.83
C SER A 203 -23.51 2.20 8.54
N LYS A 204 -23.60 2.99 9.61
CA LYS A 204 -23.63 4.43 9.55
C LYS A 204 -22.28 5.13 9.61
N LEU A 205 -21.19 4.40 9.82
CA LEU A 205 -19.90 5.09 9.88
C LEU A 205 -19.06 4.81 8.67
N ASP A 206 -18.00 5.65 8.49
CA ASP A 206 -17.08 5.49 7.43
C ASP A 206 -16.21 4.30 7.79
N TRP A 207 -15.61 3.72 6.78
CA TRP A 207 -14.77 2.54 6.91
C TRP A 207 -13.65 2.71 7.94
N SER A 208 -12.93 3.84 7.90
CA SER A 208 -11.84 4.08 8.87
C SER A 208 -12.36 4.07 10.34
N HIS A 209 -13.52 4.70 10.56
CA HIS A 209 -14.14 4.81 11.88
C HIS A 209 -14.54 3.42 12.37
N ASN A 210 -15.15 2.59 11.52
CA ASN A 210 -15.49 1.25 12.02
C ASN A 210 -14.18 0.53 12.37
N PHE A 211 -13.15 0.72 11.53
CA PHE A 211 -11.86 0.07 11.74
C PHE A 211 -11.25 0.48 13.07
N THR A 212 -11.17 1.80 13.38
CA THR A 212 -10.61 2.28 14.64
C THR A 212 -11.45 1.80 15.82
N ASN A 213 -12.76 1.69 15.70
CA ASN A 213 -13.58 1.19 16.79
C ASN A 213 -13.27 -0.30 17.01
N MET A 214 -13.06 -1.05 15.93
CA MET A 214 -12.73 -2.47 16.10
C MET A 214 -11.35 -2.68 16.75
N LEU A 215 -10.38 -1.75 16.52
CA LEU A 215 -8.98 -1.76 17.07
C LEU A 215 -9.05 -1.34 18.53
N GLY A 216 -10.15 -0.67 18.86
CA GLY A 216 -10.46 -0.18 20.20
C GLY A 216 -10.00 1.22 20.58
N TYR A 217 -9.83 2.12 19.60
CA TYR A 217 -9.36 3.45 19.93
C TYR A 217 -10.47 4.46 19.95
N THR A 218 -10.46 5.30 20.97
CA THR A 218 -11.52 6.29 21.06
C THR A 218 -11.20 7.69 20.57
N ASP A 219 -9.94 8.09 20.69
CA ASP A 219 -9.48 9.42 20.29
C ASP A 219 -9.91 9.76 18.87
N PRO A 220 -10.61 10.90 18.77
CA PRO A 220 -11.11 11.43 17.50
C PRO A 220 -9.97 11.85 16.59
N GLN A 221 -8.82 12.26 17.13
CA GLN A 221 -7.73 12.66 16.26
C GLN A 221 -7.12 11.42 15.64
N PHE A 222 -7.27 10.32 16.38
CA PHE A 222 -6.74 9.05 15.94
C PHE A 222 -7.52 8.58 14.70
N THR A 223 -8.86 8.82 14.67
CA THR A 223 -9.73 8.44 13.56
C THR A 223 -9.26 9.25 12.31
N GLU A 224 -8.93 10.53 12.52
CA GLU A 224 -8.48 11.46 11.49
C GLU A 224 -7.15 10.97 10.95
N LEU A 225 -6.29 10.50 11.86
CA LEU A 225 -4.98 9.97 11.43
C LEU A 225 -5.18 8.73 10.54
N MET A 226 -6.08 7.88 10.96
CA MET A 226 -6.38 6.67 10.23
C MET A 226 -6.87 6.98 8.80
N ARG A 227 -7.75 7.95 8.68
CA ARG A 227 -8.30 8.35 7.39
C ARG A 227 -7.16 8.81 6.51
N LEU A 228 -6.25 9.60 7.06
CA LEU A 228 -5.13 10.08 6.23
C LEU A 228 -4.19 8.93 5.88
N TYR A 229 -3.87 8.12 6.88
CA TYR A 229 -2.98 6.98 6.69
C TYR A 229 -3.45 6.07 5.58
N LEU A 230 -4.71 5.64 5.69
CA LEU A 230 -5.26 4.77 4.73
C LEU A 230 -5.37 5.38 3.33
N THR A 231 -5.50 6.69 3.25
CA THR A 231 -5.58 7.30 1.93
C THR A 231 -4.21 7.37 1.27
N ILE A 232 -3.17 7.81 2.00
CA ILE A 232 -1.85 7.96 1.44
C ILE A 232 -1.07 6.73 1.14
N HIS A 233 -1.41 5.64 1.86
CA HIS A 233 -0.65 4.43 1.59
C HIS A 233 -1.31 3.59 0.48
N SER A 234 -2.44 4.06 -0.04
CA SER A 234 -3.25 3.36 -1.03
C SER A 234 -2.66 2.78 -2.31
N ASP A 235 -1.82 3.54 -3.01
CA ASP A 235 -1.26 3.04 -4.27
C ASP A 235 0.04 3.79 -4.53
N HIS A 236 0.92 3.21 -5.31
CA HIS A 236 2.14 3.95 -5.57
C HIS A 236 2.61 3.49 -6.93
N GLU A 237 1.73 3.61 -7.91
CA GLU A 237 2.05 3.15 -9.26
C GLU A 237 2.17 1.65 -9.30
N GLY A 238 2.52 1.05 -10.41
CA GLY A 238 2.59 -0.39 -10.55
C GLY A 238 3.81 -1.17 -10.33
N GLY A 239 4.93 -0.55 -10.31
CA GLY A 239 6.18 -1.33 -10.14
C GLY A 239 6.71 -1.62 -8.80
N ASN A 240 6.03 -1.14 -7.79
CA ASN A 240 6.44 -1.39 -6.44
C ASN A 240 6.14 -2.85 -6.20
N VAL A 241 6.89 -3.49 -5.31
CA VAL A 241 6.78 -4.92 -5.04
C VAL A 241 5.38 -5.51 -4.84
N SER A 242 4.63 -4.88 -3.94
CA SER A 242 3.28 -5.31 -3.60
C SER A 242 2.38 -5.17 -4.78
N ALA A 243 2.30 -3.98 -5.38
CA ALA A 243 1.43 -3.88 -6.56
C ALA A 243 1.85 -4.75 -7.72
N HIS A 244 3.18 -4.81 -8.07
CA HIS A 244 3.61 -5.64 -9.18
C HIS A 244 3.23 -7.11 -8.91
N THR A 245 3.41 -7.56 -7.68
CA THR A 245 3.06 -8.94 -7.26
C THR A 245 1.57 -9.18 -7.48
N SER A 246 0.66 -8.29 -7.06
CA SER A 246 -0.77 -8.54 -7.29
C SER A 246 -1.09 -8.58 -8.79
N HIS A 247 -0.36 -7.76 -9.56
CA HIS A 247 -0.57 -7.66 -10.99
C HIS A 247 -0.15 -8.94 -11.69
N LEU A 248 1.03 -9.41 -11.37
CA LEU A 248 1.56 -10.60 -11.95
C LEU A 248 0.73 -11.84 -11.56
N VAL A 249 0.36 -11.99 -10.28
CA VAL A 249 -0.42 -13.15 -9.87
C VAL A 249 -1.83 -13.08 -10.49
N GLY A 250 -2.42 -11.90 -10.50
CA GLY A 250 -3.73 -11.73 -11.04
C GLY A 250 -3.72 -12.03 -12.52
N SER A 251 -2.57 -11.82 -13.22
CA SER A 251 -2.45 -12.05 -14.64
C SER A 251 -2.65 -13.49 -15.04
N ALA A 252 -2.44 -14.42 -14.08
CA ALA A 252 -2.63 -15.84 -14.31
C ALA A 252 -4.07 -16.27 -14.05
N LEU A 253 -4.88 -15.26 -13.74
CA LEU A 253 -6.28 -15.58 -13.46
C LEU A 253 -6.61 -16.05 -12.05
N SER A 254 -5.61 -15.90 -11.16
CA SER A 254 -5.77 -16.23 -9.76
C SER A 254 -6.76 -15.16 -9.27
N ASP A 255 -7.68 -15.54 -8.33
CA ASP A 255 -8.67 -14.63 -7.81
C ASP A 255 -8.08 -13.49 -7.00
N PRO A 256 -8.81 -12.42 -6.81
CA PRO A 256 -8.31 -11.32 -6.08
C PRO A 256 -7.81 -11.62 -4.66
N TYR A 257 -8.36 -12.62 -3.97
CA TYR A 257 -7.90 -12.96 -2.61
C TYR A 257 -6.48 -13.54 -2.69
N LEU A 258 -6.28 -14.43 -3.63
CA LEU A 258 -4.98 -15.05 -3.87
C LEU A 258 -4.00 -13.97 -4.34
N SER A 259 -4.41 -13.12 -5.26
CA SER A 259 -3.51 -12.07 -5.73
C SER A 259 -3.10 -11.07 -4.62
N PHE A 260 -4.04 -10.63 -3.79
CA PHE A 260 -3.75 -9.70 -2.73
C PHE A 260 -2.91 -10.36 -1.63
N ALA A 261 -3.16 -11.63 -1.26
CA ALA A 261 -2.36 -12.32 -0.21
C ALA A 261 -0.90 -12.41 -0.69
N ALA A 262 -0.67 -12.72 -1.98
CA ALA A 262 0.70 -12.83 -2.47
C ALA A 262 1.29 -11.43 -2.37
N ALA A 263 0.49 -10.36 -2.60
CA ALA A 263 1.03 -9.00 -2.53
C ALA A 263 1.52 -8.69 -1.13
N MET A 264 0.78 -9.25 -0.18
CA MET A 264 1.11 -9.03 1.22
C MET A 264 2.43 -9.69 1.62
N ASN A 265 2.73 -10.81 1.03
CA ASN A 265 3.98 -11.47 1.39
C ASN A 265 5.12 -10.63 0.86
N GLY A 266 4.92 -9.88 -0.25
CA GLY A 266 5.96 -8.99 -0.80
C GLY A 266 6.03 -7.73 0.09
N LEU A 267 4.89 -7.18 0.56
CA LEU A 267 4.89 -5.97 1.45
C LEU A 267 5.60 -6.29 2.78
N ALA A 268 5.63 -7.57 3.19
CA ALA A 268 6.30 -7.96 4.43
C ALA A 268 7.80 -8.02 4.29
N GLY A 269 8.36 -7.69 3.13
CA GLY A 269 9.82 -7.77 3.07
C GLY A 269 10.37 -6.49 3.69
N PRO A 270 11.54 -6.55 4.37
CA PRO A 270 12.20 -5.41 5.01
C PRO A 270 12.56 -4.20 4.14
N LEU A 271 12.76 -4.46 2.88
CA LEU A 271 13.10 -3.47 1.85
C LEU A 271 11.80 -2.83 1.29
N HIS A 272 10.62 -3.37 1.64
CA HIS A 272 9.32 -2.80 1.18
C HIS A 272 8.58 -2.27 2.40
N GLY A 273 7.34 -2.62 2.59
CA GLY A 273 6.53 -2.14 3.68
C GLY A 273 6.95 -2.48 5.08
N LEU A 274 7.70 -3.59 5.27
CA LEU A 274 8.09 -3.86 6.65
C LEU A 274 9.01 -2.78 7.18
N ALA A 275 9.52 -1.91 6.30
CA ALA A 275 10.41 -0.85 6.77
C ALA A 275 9.70 0.03 7.77
N ASN A 276 8.35 0.10 7.76
CA ASN A 276 7.65 0.97 8.72
C ASN A 276 7.85 0.47 10.16
N GLN A 277 7.94 -0.84 10.27
CA GLN A 277 8.19 -1.51 11.57
C GLN A 277 9.67 -1.34 11.93
N GLU A 278 10.53 -1.59 10.95
CA GLU A 278 11.99 -1.51 11.06
C GLU A 278 12.47 -0.14 11.54
N VAL A 279 11.81 0.87 11.06
CA VAL A 279 12.19 2.27 11.44
C VAL A 279 11.97 2.40 12.98
N LEU A 280 10.80 1.97 13.49
CA LEU A 280 10.54 2.05 14.93
C LEU A 280 11.48 1.20 15.78
N LEU A 281 11.81 0.00 15.31
CA LEU A 281 12.72 -0.84 16.06
C LEU A 281 14.13 -0.19 16.12
N TRP A 282 14.56 0.48 15.01
CA TRP A 282 15.86 1.17 14.89
C TRP A 282 15.90 2.38 15.81
N LEU A 283 14.79 3.11 15.86
CA LEU A 283 14.64 4.28 16.70
C LEU A 283 14.66 3.86 18.14
N SER A 284 13.97 2.76 18.46
CA SER A 284 13.95 2.25 19.85
C SER A 284 15.32 1.82 20.35
N GLN A 285 16.18 1.23 19.51
CA GLN A 285 17.53 0.80 19.90
C GLN A 285 18.39 2.05 20.02
N LEU A 286 18.00 3.06 19.23
CA LEU A 286 18.73 4.30 19.23
C LEU A 286 18.62 4.99 20.57
N GLN A 287 17.38 5.28 20.91
CA GLN A 287 17.03 5.94 22.15
C GLN A 287 17.50 5.08 23.30
N LYS A 288 17.67 3.80 23.04
CA LYS A 288 18.10 2.93 24.11
C LYS A 288 19.61 3.02 24.35
N ASP A 289 20.36 3.00 23.26
CA ASP A 289 21.80 3.08 23.31
C ASP A 289 22.18 4.47 23.75
N LEU A 290 21.73 5.45 22.98
CA LEU A 290 22.03 6.84 23.27
C LEU A 290 21.18 7.55 24.30
N GLY A 291 19.98 7.07 24.51
CA GLY A 291 19.12 7.71 25.47
C GLY A 291 18.57 9.03 24.96
N ALA A 292 17.23 9.06 24.86
CA ALA A 292 16.31 10.12 24.43
C ALA A 292 16.82 11.36 23.71
N ASP A 293 17.50 12.28 24.41
CA ASP A 293 18.01 13.49 23.77
C ASP A 293 19.49 13.36 23.35
N ALA A 294 19.71 12.99 22.08
CA ALA A 294 21.06 12.82 21.58
C ALA A 294 21.63 14.02 20.80
N SER A 295 22.95 14.12 20.81
CA SER A 295 23.66 15.17 20.10
C SER A 295 23.73 14.70 18.67
N ASP A 296 23.97 15.64 17.78
CA ASP A 296 24.05 15.26 16.40
C ASP A 296 25.25 14.38 16.12
N GLU A 297 26.37 14.63 16.80
CA GLU A 297 27.57 13.82 16.58
C GLU A 297 27.31 12.39 16.99
N LYS A 298 26.55 12.18 18.07
CA LYS A 298 26.26 10.82 18.48
C LYS A 298 25.33 10.10 17.49
N LEU A 299 24.34 10.84 16.93
CA LEU A 299 23.40 10.28 15.95
C LEU A 299 24.18 9.88 14.73
N ARG A 300 25.15 10.74 14.36
CA ARG A 300 25.95 10.39 13.17
C ARG A 300 26.71 9.03 13.37
N ASP A 301 27.31 8.88 14.54
CA ASP A 301 28.09 7.71 14.95
C ASP A 301 27.22 6.48 14.84
N TYR A 302 26.03 6.60 15.39
CA TYR A 302 25.04 5.54 15.37
C TYR A 302 24.66 5.14 13.92
N ILE A 303 24.45 6.10 12.98
CA ILE A 303 24.11 5.80 11.60
C ILE A 303 25.26 5.07 10.94
N TRP A 304 26.47 5.57 11.21
CA TRP A 304 27.66 4.95 10.64
C TRP A 304 27.82 3.53 11.10
N ASN A 305 27.55 3.28 12.35
CA ASN A 305 27.69 1.90 12.84
C ASN A 305 26.74 0.96 12.02
N THR A 306 25.51 1.40 11.73
CA THR A 306 24.59 0.57 10.95
C THR A 306 25.17 0.34 9.58
N LEU A 307 25.62 1.43 8.94
CA LEU A 307 26.17 1.31 7.60
C LEU A 307 27.40 0.39 7.54
N ASN A 308 28.23 0.56 8.54
CA ASN A 308 29.43 -0.24 8.57
C ASN A 308 29.23 -1.71 8.86
N SER A 309 28.09 -2.07 9.44
CA SER A 309 27.75 -3.42 9.77
C SER A 309 27.05 -4.16 8.66
N GLY A 310 26.99 -3.58 7.45
CA GLY A 310 26.31 -4.27 6.34
C GLY A 310 24.78 -4.28 6.36
N ARG A 311 24.22 -3.19 6.95
CA ARG A 311 22.75 -3.03 7.06
C ARG A 311 22.24 -1.74 6.41
N VAL A 312 20.93 -1.63 6.19
CA VAL A 312 20.46 -0.37 5.59
C VAL A 312 19.88 0.48 6.71
N VAL A 313 19.74 1.78 6.44
CA VAL A 313 19.16 2.67 7.42
C VAL A 313 17.70 2.66 6.93
N PRO A 314 16.76 2.12 7.73
CA PRO A 314 15.36 2.04 7.29
C PRO A 314 14.64 3.38 7.14
N GLY A 315 13.79 3.48 6.16
CA GLY A 315 13.05 4.69 6.00
C GLY A 315 13.63 5.75 5.09
N TYR A 316 14.82 5.52 4.51
CA TYR A 316 15.53 6.44 3.62
C TYR A 316 15.80 5.72 2.29
N GLY A 317 15.83 6.48 1.19
CA GLY A 317 16.08 5.92 -0.11
C GLY A 317 14.77 5.48 -0.80
N HIS A 318 14.90 5.23 -2.10
CA HIS A 318 13.78 4.82 -2.93
C HIS A 318 14.20 4.31 -4.28
N ALA A 319 13.45 3.37 -4.86
CA ALA A 319 13.86 2.87 -6.15
C ALA A 319 13.61 3.90 -7.26
N VAL A 320 12.66 4.77 -7.08
CA VAL A 320 12.33 5.75 -8.09
C VAL A 320 12.37 7.22 -7.66
N LEU A 321 11.86 7.51 -6.48
CA LEU A 321 11.88 8.87 -5.99
C LEU A 321 13.35 9.32 -5.86
N ARG A 322 13.57 10.59 -6.22
CA ARG A 322 14.88 11.23 -6.18
C ARG A 322 14.91 12.42 -5.24
N LYS A 323 13.78 12.70 -4.59
CA LYS A 323 13.64 13.77 -3.66
C LYS A 323 12.78 13.25 -2.51
N THR A 324 12.63 14.05 -1.44
CA THR A 324 11.84 13.70 -0.29
C THR A 324 10.41 13.31 -0.71
N ASP A 325 10.00 12.14 -0.21
CA ASP A 325 8.65 11.60 -0.49
C ASP A 325 7.57 12.58 0.03
N PRO A 326 6.61 13.04 -0.84
CA PRO A 326 5.55 13.92 -0.39
C PRO A 326 4.71 13.20 0.68
N ARG A 327 4.66 11.88 0.73
CA ARG A 327 3.90 11.18 1.77
C ARG A 327 4.64 11.44 3.07
N TYR A 328 5.99 11.64 3.03
CA TYR A 328 6.72 11.91 4.27
C TYR A 328 6.31 13.34 4.75
N THR A 329 6.35 14.29 3.83
CA THR A 329 6.01 15.65 4.12
C THR A 329 4.60 15.79 4.62
N CYS A 330 3.68 15.05 4.02
CA CYS A 330 2.28 15.12 4.45
C CYS A 330 2.15 14.63 5.92
N GLN A 331 2.94 13.66 6.27
CA GLN A 331 2.94 13.12 7.65
C GLN A 331 3.56 14.10 8.61
N ARG A 332 4.65 14.74 8.24
CA ARG A 332 5.35 15.76 9.06
C ARG A 332 4.40 16.91 9.37
N GLU A 333 3.68 17.28 8.35
CA GLU A 333 2.74 18.35 8.56
C GLU A 333 1.63 18.01 9.56
N PHE A 334 1.18 16.77 9.57
CA PHE A 334 0.17 16.30 10.47
C PHE A 334 0.78 16.31 11.87
N ALA A 335 2.02 15.89 12.03
CA ALA A 335 2.69 15.89 13.31
C ALA A 335 2.82 17.33 13.88
N LEU A 336 3.31 18.25 13.04
CA LEU A 336 3.46 19.61 13.45
C LEU A 336 2.18 20.21 13.94
N LYS A 337 1.09 19.74 13.36
CA LYS A 337 -0.22 20.24 13.77
C LYS A 337 -0.74 19.60 15.06
N HIS A 338 -0.54 18.30 15.20
CA HIS A 338 -1.03 17.53 16.35
C HIS A 338 -0.16 17.03 17.46
N LEU A 339 1.11 16.82 17.23
CA LEU A 339 1.96 16.32 18.28
C LEU A 339 3.35 16.92 18.12
N PRO A 340 3.40 18.22 18.00
CA PRO A 340 4.65 18.89 17.82
C PRO A 340 5.73 18.70 18.86
N SER A 341 5.31 18.41 20.08
CA SER A 341 6.31 18.23 21.12
C SER A 341 6.66 16.79 21.44
N ASP A 342 6.11 15.86 20.68
CA ASP A 342 6.47 14.50 20.99
C ASP A 342 7.99 14.28 20.77
N PRO A 343 8.65 13.63 21.73
CA PRO A 343 10.08 13.35 21.71
C PRO A 343 10.53 12.43 20.60
N MET A 344 9.63 11.54 20.21
CA MET A 344 10.02 10.65 19.12
C MET A 344 9.94 11.40 17.79
N PHE A 345 8.92 12.25 17.73
CA PHE A 345 8.70 13.05 16.57
C PHE A 345 9.93 13.93 16.45
N LYS A 346 10.34 14.52 17.57
CA LYS A 346 11.50 15.37 17.58
C LYS A 346 12.75 14.66 17.08
N LEU A 347 12.87 13.38 17.43
CA LEU A 347 13.99 12.56 17.01
C LEU A 347 13.90 12.36 15.49
N VAL A 348 12.69 11.98 15.03
CA VAL A 348 12.49 11.81 13.59
C VAL A 348 12.86 13.11 12.81
N ALA A 349 12.50 14.29 13.39
CA ALA A 349 12.80 15.58 12.79
C ALA A 349 14.30 15.79 12.73
N GLN A 350 14.94 15.43 13.81
CA GLN A 350 16.38 15.59 13.89
C GLN A 350 17.14 14.73 12.92
N LEU A 351 16.61 13.52 12.70
CA LEU A 351 17.29 12.64 11.77
C LEU A 351 17.21 13.15 10.35
N TYR A 352 16.16 13.96 10.03
CA TYR A 352 15.98 14.49 8.67
C TYR A 352 17.13 15.42 8.33
N LYS A 353 17.63 16.04 9.40
CA LYS A 353 18.76 16.94 9.26
C LYS A 353 20.09 16.18 9.14
N ILE A 354 20.12 14.94 9.60
CA ILE A 354 21.38 14.19 9.55
C ILE A 354 21.54 13.00 8.64
N VAL A 355 20.56 12.14 8.59
CA VAL A 355 20.73 10.98 7.73
C VAL A 355 21.05 11.20 6.25
N PRO A 356 20.35 12.14 5.59
CA PRO A 356 20.60 12.38 4.19
C PRO A 356 22.05 12.74 3.97
N ASN A 357 22.60 13.56 4.83
CA ASN A 357 24.02 13.96 4.73
C ASN A 357 24.99 12.80 4.90
N VAL A 358 24.70 11.92 5.83
CA VAL A 358 25.54 10.79 6.02
C VAL A 358 25.40 9.87 4.80
N LEU A 359 24.19 9.65 4.28
CA LEU A 359 24.04 8.78 3.13
C LEU A 359 24.79 9.33 1.92
N LEU A 360 24.76 10.64 1.78
CA LEU A 360 25.42 11.30 0.69
C LEU A 360 26.92 11.09 0.90
N GLU A 361 27.36 11.25 2.12
CA GLU A 361 28.78 11.06 2.40
C GLU A 361 29.23 9.67 2.04
N GLN A 362 28.42 8.71 2.42
CA GLN A 362 28.74 7.35 2.10
C GLN A 362 28.81 7.12 0.60
N GLY A 363 28.07 7.89 -0.19
CA GLY A 363 28.09 7.74 -1.64
C GLY A 363 27.50 6.47 -2.31
N LYS A 364 26.65 5.71 -1.64
CA LYS A 364 26.10 4.56 -2.31
C LYS A 364 24.62 4.78 -2.70
N ALA A 365 23.79 5.33 -1.80
CA ALA A 365 22.39 5.52 -2.15
C ALA A 365 22.19 6.51 -3.26
N LYS A 366 21.25 6.25 -4.16
CA LYS A 366 20.99 7.19 -5.22
C LYS A 366 20.05 8.29 -4.71
N ASN A 367 19.16 7.93 -3.80
CA ASN A 367 18.23 8.90 -3.23
C ASN A 367 18.54 8.97 -1.73
N PRO A 368 19.08 10.06 -1.18
CA PRO A 368 19.38 10.02 0.25
C PRO A 368 18.27 10.57 1.15
N TRP A 369 17.09 10.82 0.56
CA TRP A 369 15.94 11.38 1.23
C TRP A 369 15.01 10.37 1.86
N PRO A 370 14.24 10.87 2.80
CA PRO A 370 13.34 9.91 3.42
C PRO A 370 12.14 9.52 2.58
N ASN A 371 11.60 8.35 2.91
CA ASN A 371 10.44 7.77 2.27
C ASN A 371 9.33 7.73 3.31
N VAL A 372 8.10 7.37 2.91
CA VAL A 372 6.92 7.31 3.74
C VAL A 372 7.13 6.55 5.05
N ASP A 373 7.90 5.46 5.01
CA ASP A 373 8.07 4.69 6.22
C ASP A 373 8.85 5.35 7.35
N ALA A 374 9.61 6.39 6.97
CA ALA A 374 10.36 7.05 8.02
C ALA A 374 9.45 7.83 8.94
N HIS A 375 8.20 8.22 8.54
CA HIS A 375 7.38 9.03 9.43
C HIS A 375 6.07 8.49 9.89
N SER A 376 5.70 7.31 9.48
CA SER A 376 4.42 6.71 9.83
C SER A 376 4.26 6.18 11.23
N GLY A 377 5.14 5.29 11.66
CA GLY A 377 5.01 4.73 13.00
C GLY A 377 5.07 5.70 14.15
N VAL A 378 5.73 6.82 13.96
CA VAL A 378 5.90 7.89 14.94
C VAL A 378 4.55 8.45 15.29
N LEU A 379 3.73 8.57 14.28
CA LEU A 379 2.40 9.06 14.46
C LEU A 379 1.56 8.05 15.22
N LEU A 380 1.69 6.79 14.87
CA LEU A 380 0.93 5.73 15.52
C LEU A 380 1.16 5.60 17.02
N GLN A 381 2.46 5.52 17.40
CA GLN A 381 2.95 5.41 18.77
C GLN A 381 2.37 6.52 19.62
N TYR A 382 2.32 7.74 19.11
CA TYR A 382 1.81 8.86 19.86
C TYR A 382 0.40 8.67 20.36
N TYR A 383 -0.43 7.93 19.62
CA TYR A 383 -1.81 7.72 20.00
C TYR A 383 -1.98 6.46 20.81
N GLY A 384 -0.90 5.80 21.22
CA GLY A 384 -1.04 4.56 21.99
C GLY A 384 -0.82 3.23 21.20
N MET A 385 -0.72 3.27 19.85
CA MET A 385 -0.50 2.04 19.11
C MET A 385 0.99 1.81 19.05
N THR A 386 1.47 1.19 20.10
CA THR A 386 2.87 0.97 20.24
C THR A 386 3.33 -0.39 19.78
N GLU A 387 2.45 -1.23 19.24
CA GLU A 387 2.85 -2.55 18.80
C GLU A 387 3.40 -2.43 17.40
N MET A 388 4.73 -2.17 17.33
CA MET A 388 5.45 -1.98 16.04
C MET A 388 5.48 -3.10 15.00
N ASN A 389 5.33 -4.37 15.44
CA ASN A 389 5.31 -5.50 14.53
C ASN A 389 3.95 -5.53 13.84
N TYR A 390 3.02 -4.69 14.25
CA TYR A 390 1.72 -4.69 13.63
C TYR A 390 1.59 -3.57 12.59
N TYR A 391 2.50 -2.59 12.55
CA TYR A 391 2.42 -1.46 11.61
C TYR A 391 2.20 -1.73 10.09
N THR A 392 2.89 -2.77 9.61
CA THR A 392 2.80 -3.14 8.19
C THR A 392 1.37 -3.61 7.80
N VAL A 393 0.64 -4.15 8.74
CA VAL A 393 -0.73 -4.59 8.49
C VAL A 393 -1.59 -3.41 8.10
N LEU A 394 -1.37 -2.24 8.70
CA LEU A 394 -2.17 -1.06 8.36
C LEU A 394 -1.81 -0.62 6.96
N PHE A 395 -0.53 -0.78 6.61
CA PHE A 395 -0.11 -0.42 5.26
C PHE A 395 -0.80 -1.38 4.32
N GLY A 396 -0.86 -2.67 4.67
CA GLY A 396 -1.50 -3.73 3.87
C GLY A 396 -2.95 -3.38 3.63
N VAL A 397 -3.70 -3.00 4.69
CA VAL A 397 -5.09 -2.64 4.57
C VAL A 397 -5.26 -1.47 3.57
N SER A 398 -4.42 -0.44 3.65
CA SER A 398 -4.53 0.70 2.71
C SER A 398 -4.23 0.30 1.28
N ARG A 399 -3.18 -0.51 1.12
CA ARG A 399 -2.70 -0.96 -0.20
C ARG A 399 -3.75 -1.68 -1.05
N ALA A 400 -4.67 -2.34 -0.36
CA ALA A 400 -5.78 -3.07 -1.03
C ALA A 400 -6.52 -2.09 -1.95
N LEU A 401 -6.69 -0.83 -1.52
CA LEU A 401 -7.44 0.13 -2.33
C LEU A 401 -6.87 0.32 -3.73
N GLY A 402 -5.57 0.52 -3.80
CA GLY A 402 -5.00 0.74 -5.11
C GLY A 402 -4.84 -0.50 -5.93
N VAL A 403 -4.34 -1.53 -5.33
CA VAL A 403 -4.16 -2.70 -6.14
C VAL A 403 -5.42 -3.35 -6.67
N LEU A 404 -6.49 -3.32 -5.84
CA LEU A 404 -7.76 -3.88 -6.25
C LEU A 404 -8.42 -2.98 -7.30
N ALA A 405 -8.26 -1.66 -7.26
CA ALA A 405 -8.81 -0.73 -8.22
C ALA A 405 -8.17 -1.06 -9.57
N GLN A 406 -6.87 -1.27 -9.62
CA GLN A 406 -6.24 -1.58 -10.89
C GLN A 406 -6.59 -2.95 -11.44
N LEU A 407 -6.73 -3.90 -10.53
CA LEU A 407 -7.05 -5.29 -10.83
C LEU A 407 -8.34 -5.40 -11.65
N ILE A 408 -9.32 -4.60 -11.30
CA ILE A 408 -10.59 -4.59 -12.02
C ILE A 408 -10.31 -4.13 -13.47
N TRP A 409 -9.52 -3.05 -13.61
CA TRP A 409 -9.15 -2.50 -14.90
C TRP A 409 -8.32 -3.47 -15.71
N SER A 410 -7.34 -4.17 -15.08
CA SER A 410 -6.52 -5.13 -15.82
C SER A 410 -7.38 -6.15 -16.55
N ARG A 411 -8.38 -6.70 -15.84
CA ARG A 411 -9.28 -7.70 -16.41
C ARG A 411 -10.26 -7.01 -17.40
N ALA A 412 -10.76 -5.79 -17.10
CA ALA A 412 -11.67 -5.13 -18.00
C ALA A 412 -11.01 -4.92 -19.35
N LEU A 413 -9.72 -4.53 -19.34
CA LEU A 413 -8.97 -4.28 -20.55
C LEU A 413 -8.34 -5.52 -21.22
N GLY A 414 -8.53 -6.69 -20.64
CA GLY A 414 -7.99 -7.89 -21.22
C GLY A 414 -6.50 -8.02 -21.12
N PHE A 415 -5.82 -7.45 -20.11
CA PHE A 415 -4.34 -7.62 -20.07
C PHE A 415 -3.98 -9.07 -20.01
N PRO A 416 -3.00 -9.54 -20.78
CA PRO A 416 -2.68 -10.96 -20.69
C PRO A 416 -1.64 -11.32 -19.61
N LEU A 417 -1.32 -12.60 -19.57
CA LEU A 417 -0.31 -13.19 -18.67
C LEU A 417 0.96 -12.37 -18.71
N GLU A 418 1.53 -12.03 -17.51
CA GLU A 418 2.78 -11.28 -17.39
C GLU A 418 3.83 -12.38 -17.48
N ARG A 419 4.65 -12.36 -18.58
CA ARG A 419 5.62 -13.40 -18.73
C ARG A 419 6.77 -12.90 -19.60
N PRO A 420 7.80 -12.31 -18.93
CA PRO A 420 8.97 -11.78 -19.65
C PRO A 420 9.93 -12.94 -19.86
N LYS A 421 11.01 -12.70 -20.61
CA LYS A 421 11.99 -13.73 -20.87
C LYS A 421 13.13 -13.54 -19.89
N SER A 422 13.67 -14.65 -19.42
CA SER A 422 14.80 -14.55 -18.50
C SER A 422 16.02 -15.04 -19.27
N MET A 423 17.19 -14.78 -18.71
CA MET A 423 18.45 -15.18 -19.30
C MET A 423 19.41 -15.59 -18.18
N SER A 424 20.33 -16.46 -18.54
CA SER A 424 21.36 -16.85 -17.54
C SER A 424 22.57 -15.92 -17.78
N THR A 425 23.51 -15.83 -16.82
CA THR A 425 24.69 -14.99 -17.05
C THR A 425 25.51 -15.52 -18.26
N ALA A 426 25.62 -16.86 -18.40
CA ALA A 426 26.32 -17.53 -19.46
C ALA A 426 25.65 -17.25 -20.79
N GLY A 427 24.37 -17.42 -20.82
CA GLY A 427 23.68 -17.15 -22.05
C GLY A 427 23.81 -15.68 -22.46
N LEU A 428 23.76 -14.76 -21.48
CA LEU A 428 23.90 -13.35 -21.80
C LEU A 428 25.30 -12.95 -22.28
N GLU A 429 26.31 -13.60 -21.72
CA GLU A 429 27.68 -13.32 -22.11
C GLU A 429 27.80 -13.73 -23.56
N LYS A 430 27.28 -14.91 -23.92
CA LYS A 430 27.32 -15.35 -25.29
C LYS A 430 26.60 -14.39 -26.23
N LEU A 431 25.43 -13.92 -25.80
CA LEU A 431 24.65 -13.00 -26.62
C LEU A 431 25.52 -11.77 -27.03
N SER A 432 26.39 -11.35 -26.12
CA SER A 432 27.21 -10.20 -26.43
C SER A 432 28.65 -10.51 -26.85
N ALA A 433 29.31 -11.49 -26.21
CA ALA A 433 30.70 -11.93 -26.40
C ALA A 433 31.25 -12.39 -25.04
N GLY A 434 30.94 -11.62 -24.00
CA GLY A 434 31.40 -11.99 -22.68
C GLY A 434 32.21 -10.89 -22.07
N GLY A 435 32.69 -11.09 -20.84
CA GLY A 435 33.49 -10.04 -20.24
C GLY A 435 34.08 -10.63 -18.98
O1 OAA B . 7.21 2.82 -4.88
O2 OAA B . 8.69 1.16 -5.07
O4 OAA B . 5.03 0.88 -2.56
O5 OAA B . 4.50 2.70 -1.43
O3 OAA B . 7.12 3.61 -1.83
C1 OAA B . 7.83 1.85 -4.43
C2 OAA B . 7.60 1.51 -2.98
C3 OAA B . 6.76 2.51 -2.24
C4 OAA B . 5.33 1.98 -2.08
N1A FCX C . 20.62 2.50 3.77
C2A FCX C . 21.77 1.94 3.36
N3A FCX C . 22.21 1.69 2.13
C4A FCX C . 21.33 2.12 1.21
C5A FCX C . 20.10 2.69 1.45
C6A FCX C . 19.77 2.91 2.81
N6A FCX C . 18.65 3.39 3.25
N7A FCX C . 19.47 2.99 0.23
C8A FCX C . 20.31 2.56 -0.70
N9A FCX C . 21.46 2.03 -0.16
C1B FCX C . 22.49 1.39 -0.94
C2B FCX C . 21.78 0.21 -1.65
O2B FCX C . 21.47 -0.89 -0.79
C3B FCX C . 22.78 -0.11 -2.75
O3B FCX C . 23.96 -0.65 -2.15
P3B FCX C . 24.68 -1.93 -2.87
O7A FCX C . 23.60 -2.92 -3.23
O8A FCX C . 25.83 -2.38 -2.04
O9A FCX C . 25.23 -1.33 -4.11
C4B FCX C . 23.15 1.31 -3.23
O4B FCX C . 22.83 2.14 -2.08
C5B FCX C . 22.36 1.83 -4.39
O5B FCX C . 20.96 1.45 -4.14
P1A FCX C . 19.85 2.40 -4.78
O1A FCX C . 20.00 2.33 -6.26
O2A FCX C . 19.91 3.73 -4.14
O3A FCX C . 18.56 1.74 -4.15
P2A FCX C . 17.61 0.66 -4.83
O4A FCX C . 16.79 1.36 -5.85
O5A FCX C . 18.29 -0.58 -5.20
O6A FCX C . 16.73 0.28 -3.51
CBP FCX C . 15.50 0.78 -1.51
CCP FCX C . 15.75 1.17 -2.96
CDP FCX C . 14.24 1.58 -1.08
CEP FCX C . 15.23 -0.75 -1.51
CAP FCX C . 16.77 1.19 -0.73
OAP FCX C . 16.74 2.63 -0.77
C9P FCX C . 16.71 0.73 0.73
O9P FCX C . 17.16 -0.36 1.09
N8P FCX C . 16.14 1.54 1.63
C7P FCX C . 16.05 1.13 3.05
C6P FCX C . 14.79 0.29 3.25
C5P FCX C . 13.47 1.06 3.10
O5P FCX C . 13.35 2.18 3.65
N4P FCX C . 12.44 0.43 2.43
C3P FCX C . 11.17 1.12 2.29
C2P FCX C . 10.98 1.95 1.04
C2P FCX C . 10.87 1.60 0.88
C1 FCX C . 9.56 2.28 0.53
C1 FCX C . 9.51 2.25 0.83
F1 FCX C . 9.11 3.47 1.07
F1 FCX C . 9.52 2.94 -0.36
C2 FCX C . 8.57 1.16 0.73
C2 FCX C . 8.51 1.17 0.65
O1 FCX C . 8.36 0.34 -0.13
O1 FCX C . 8.72 0.32 -0.16
O2 FCX C . 7.93 1.18 1.87
O2 FCX C . 7.70 1.02 1.67
#